data_3H15
#
_entry.id   3H15
#
_cell.length_a   95.017
_cell.length_b   95.017
_cell.length_c   61.159
_cell.angle_alpha   90.00
_cell.angle_beta   90.00
_cell.angle_gamma   120.00
#
_symmetry.space_group_name_H-M   'P 31 2 1'
#
loop_
_entity.id
_entity.type
_entity.pdbx_description
1 polymer 'Protein MCM10 homolog'
2 polymer "5'-D(*CP*CP*CP*CP*CP*CP*CP*CP*C)-3'"
3 non-polymer 'ZINC ION'
4 water water
#
loop_
_entity_poly.entity_id
_entity_poly.type
_entity_poly.pdbx_seq_one_letter_code
_entity_poly.pdbx_strand_id
1 'polypeptide(L)'
;SPVGQQYHVEKFSGLRIRKPRVSSSEMERKMNGRKLIRLAQLQNKIATEKLEEEDWVTFGVIVKKITPQSSNNGKTFSIW
RLNDLKDLDKYISLFLFGDVHKEHWKTDQGTVIGLLNANPMKPKEGTDEVCLSVDNPQKVLLMGDAVDLGTCKARKKNGD
PCTQMVNLNDCEYCQYHVQAQYKKVSSKRADLQSSYSG
;
A
2 'polydeoxyribonucleotide' (DC)(DC)(DC)(DC)(DC)(DC)(DC)(DC)(DC) B
#
# COMPACT_ATOMS: atom_id res chain seq x y z
N GLN A 6 -2.34 -1.48 -18.57
CA GLN A 6 -2.20 -0.02 -18.58
C GLN A 6 -3.52 0.63 -18.95
N TYR A 7 -4.56 -0.18 -19.10
CA TYR A 7 -5.90 0.36 -19.34
CA TYR A 7 -5.92 0.29 -19.44
C TYR A 7 -6.96 -0.30 -18.49
N HIS A 8 -8.17 0.25 -18.59
CA HIS A 8 -9.22 0.11 -17.58
C HIS A 8 -9.01 -0.67 -16.27
N VAL A 9 -9.71 -0.17 -15.27
CA VAL A 9 -9.52 -0.44 -13.84
C VAL A 9 -9.57 -1.90 -13.44
N GLU A 10 -8.84 -2.22 -12.37
CA GLU A 10 -8.91 -3.52 -11.70
C GLU A 10 -10.02 -3.50 -10.65
N LYS A 11 -10.86 -4.52 -10.67
CA LYS A 11 -12.07 -4.56 -9.85
C LYS A 11 -11.85 -4.26 -8.36
N PHE A 12 -10.89 -4.91 -7.74
CA PHE A 12 -10.78 -4.89 -6.28
C PHE A 12 -10.05 -3.70 -5.67
N SER A 13 -9.05 -3.19 -6.37
CA SER A 13 -8.24 -2.09 -5.85
C SER A 13 -8.72 -0.74 -6.39
N GLY A 14 -9.44 -0.78 -7.51
CA GLY A 14 -9.92 0.44 -8.15
C GLY A 14 -8.83 1.23 -8.84
N LEU A 15 -7.74 0.55 -9.19
CA LEU A 15 -6.59 1.17 -9.80
C LEU A 15 -6.37 0.52 -11.15
N ARG A 16 -5.88 1.27 -12.13
CA ARG A 16 -5.54 0.60 -13.38
C ARG A 16 -4.05 0.25 -13.45
N ILE A 17 -3.77 -0.99 -13.83
CA ILE A 17 -2.45 -1.57 -13.64
C ILE A 17 -1.71 -1.89 -14.94
N ARG A 18 -0.57 -1.24 -15.14
CA ARG A 18 0.28 -1.59 -16.27
C ARG A 18 0.89 -2.96 -16.03
N LYS A 19 0.72 -3.84 -17.02
CA LYS A 19 1.27 -5.19 -16.96
C LYS A 19 0.86 -5.94 -15.69
N PRO A 20 -0.44 -6.28 -15.59
CA PRO A 20 -1.01 -7.00 -14.46
C PRO A 20 -0.33 -8.35 -14.30
N ARG A 21 -0.39 -8.87 -13.08
CA ARG A 21 0.38 -10.03 -12.70
C ARG A 21 -0.55 -11.16 -12.24
N VAL A 22 -1.84 -10.86 -12.12
CA VAL A 22 -2.81 -11.81 -11.56
C VAL A 22 -4.07 -11.91 -12.40
N SER A 23 -4.40 -13.13 -12.80
CA SER A 23 -5.60 -13.38 -13.60
C SER A 23 -6.80 -12.72 -12.94
N SER A 24 -7.72 -12.23 -13.75
CA SER A 24 -8.96 -11.70 -13.22
C SER A 24 -9.64 -12.78 -12.36
N SER A 25 -9.72 -13.99 -12.92
CA SER A 25 -10.28 -15.12 -12.21
C SER A 25 -9.53 -15.41 -10.91
N GLU A 26 -8.21 -15.50 -11.01
CA GLU A 26 -7.39 -15.82 -9.85
C GLU A 26 -7.49 -14.76 -8.74
N MET A 27 -7.94 -13.56 -9.10
CA MET A 27 -8.14 -12.51 -8.09
C MET A 27 -9.42 -12.75 -7.32
N GLU A 28 -10.48 -13.04 -8.05
CA GLU A 28 -11.74 -13.35 -7.43
C GLU A 28 -11.57 -14.55 -6.52
N ARG A 29 -10.67 -15.44 -6.93
CA ARG A 29 -10.42 -16.68 -6.20
C ARG A 29 -9.80 -16.36 -4.84
N LYS A 30 -8.69 -15.64 -4.87
CA LYS A 30 -7.98 -15.24 -3.65
C LYS A 30 -8.87 -14.35 -2.78
N MET A 31 -9.65 -13.51 -3.44
CA MET A 31 -10.53 -12.55 -2.76
C MET A 31 -11.74 -13.22 -2.10
N ASN A 32 -12.02 -14.46 -2.48
CA ASN A 32 -13.22 -15.14 -2.04
C ASN A 32 -13.34 -15.35 -0.54
N GLY A 33 -14.46 -14.89 0.02
CA GLY A 33 -14.77 -15.14 1.42
C GLY A 33 -14.07 -14.21 2.37
N ARG A 34 -13.30 -13.27 1.82
CA ARG A 34 -12.54 -12.34 2.64
C ARG A 34 -13.24 -10.99 2.73
N LYS A 35 -12.88 -10.20 3.74
CA LYS A 35 -13.39 -8.85 3.86
C LYS A 35 -12.42 -7.80 3.30
N LEU A 36 -12.90 -7.03 2.35
CA LEU A 36 -12.12 -5.92 1.81
C LEU A 36 -12.16 -4.74 2.79
N ILE A 37 -11.03 -4.48 3.42
CA ILE A 37 -10.93 -3.34 4.33
C ILE A 37 -10.05 -2.27 3.70
N ARG A 38 -10.62 -1.10 3.41
CA ARG A 38 -9.78 -0.04 2.85
C ARG A 38 -8.72 0.38 3.85
N LEU A 39 -7.55 0.68 3.32
CA LEU A 39 -6.39 1.07 4.10
C LEU A 39 -6.72 2.11 5.19
N ALA A 40 -7.60 3.05 4.86
CA ALA A 40 -7.98 4.09 5.80
C ALA A 40 -8.79 3.59 7.00
N GLN A 41 -9.38 2.41 6.87
CA GLN A 41 -10.19 1.86 7.94
C GLN A 41 -9.36 1.04 8.94
N LEU A 42 -8.09 0.84 8.63
CA LEU A 42 -7.27 -0.01 9.47
C LEU A 42 -7.06 0.59 10.85
N GLN A 43 -6.65 1.85 10.91
CA GLN A 43 -6.34 2.45 12.20
C GLN A 43 -7.46 2.19 13.22
N ASN A 44 -8.68 2.52 12.84
CA ASN A 44 -9.82 2.32 13.73
C ASN A 44 -10.14 0.87 14.09
N LYS A 45 -9.98 -0.06 13.16
CA LYS A 45 -10.27 -1.46 13.45
C LYS A 45 -9.26 -2.07 14.43
N ILE A 46 -8.03 -1.56 14.39
CA ILE A 46 -7.01 -2.01 15.32
C ILE A 46 -7.27 -1.38 16.67
N ALA A 47 -7.63 -0.11 16.65
CA ALA A 47 -7.94 0.60 17.88
C ALA A 47 -9.15 -0.02 18.59
N THR A 48 -10.26 -0.16 17.87
CA THR A 48 -11.44 -0.82 18.42
C THR A 48 -11.21 -2.32 18.61
N GLU A 49 -9.96 -2.75 18.37
CA GLU A 49 -9.52 -4.10 18.67
C GLU A 49 -10.48 -5.16 18.15
N LYS A 50 -10.73 -5.13 16.85
CA LYS A 50 -11.57 -6.15 16.21
C LYS A 50 -11.21 -6.30 14.74
N LEU A 51 -9.92 -6.40 14.47
CA LEU A 51 -9.41 -6.66 13.14
C LEU A 51 -9.05 -8.14 13.03
N GLU A 52 -8.56 -8.71 14.14
CA GLU A 52 -8.12 -10.09 14.19
C GLU A 52 -9.18 -11.08 13.72
N GLU A 53 -10.42 -10.84 14.12
CA GLU A 53 -11.53 -11.72 13.84
C GLU A 53 -11.96 -11.64 12.38
N GLU A 54 -11.32 -10.76 11.63
CA GLU A 54 -11.60 -10.63 10.22
C GLU A 54 -10.60 -11.43 9.39
N ASP A 55 -11.09 -12.09 8.34
CA ASP A 55 -10.25 -12.66 7.28
C ASP A 55 -10.15 -11.59 6.20
N TRP A 56 -9.21 -10.67 6.37
CA TRP A 56 -9.24 -9.42 5.61
C TRP A 56 -8.15 -9.25 4.56
N VAL A 57 -8.47 -8.41 3.58
CA VAL A 57 -7.55 -8.05 2.52
C VAL A 57 -7.57 -6.55 2.31
N THR A 58 -6.40 -6.01 2.04
CA THR A 58 -6.28 -4.58 1.74
C THR A 58 -5.34 -4.34 0.58
N PHE A 59 -5.36 -3.12 0.05
CA PHE A 59 -4.64 -2.80 -1.17
C PHE A 59 -3.89 -1.49 -1.06
N GLY A 60 -2.62 -1.52 -1.45
CA GLY A 60 -1.81 -0.32 -1.41
C GLY A 60 -0.84 -0.26 -2.56
N VAL A 61 -0.38 0.95 -2.86
CA VAL A 61 0.69 1.16 -3.83
C VAL A 61 1.97 1.46 -3.05
N ILE A 62 3.08 0.83 -3.43
CA ILE A 62 4.34 1.12 -2.76
C ILE A 62 4.78 2.51 -3.15
N VAL A 63 4.50 3.47 -2.28
CA VAL A 63 4.84 4.85 -2.58
C VAL A 63 6.31 5.10 -2.25
N LYS A 64 6.84 4.37 -1.28
CA LYS A 64 8.21 4.58 -0.87
C LYS A 64 8.79 3.38 -0.19
N LYS A 65 10.06 3.11 -0.47
CA LYS A 65 10.73 1.99 0.18
C LYS A 65 11.86 2.47 1.06
N ILE A 66 11.85 2.06 2.32
CA ILE A 66 13.00 2.29 3.18
C ILE A 66 13.66 0.95 3.45
N THR A 67 14.99 0.93 3.39
CA THR A 67 15.71 -0.28 3.72
C THR A 67 16.76 0.01 4.78
N PRO A 68 16.30 0.26 6.02
CA PRO A 68 17.14 0.85 7.08
C PRO A 68 18.09 -0.13 7.75
N GLN A 69 18.61 0.29 8.90
CA GLN A 69 19.69 -0.40 9.59
C GLN A 69 19.24 -1.35 10.68
N SER A 70 19.75 -2.57 10.66
CA SER A 70 19.70 -3.42 11.84
C SER A 70 20.81 -4.49 11.84
N SER A 71 20.64 -5.53 11.04
CA SER A 71 21.56 -6.67 11.08
C SER A 71 21.62 -7.19 12.52
N ASN A 72 20.67 -6.75 13.33
CA ASN A 72 20.59 -7.14 14.72
C ASN A 72 20.46 -8.66 14.86
N ASN A 73 21.58 -9.36 14.94
CA ASN A 73 21.57 -10.80 15.23
C ASN A 73 21.41 -11.68 13.99
N GLY A 74 20.89 -11.12 12.90
CA GLY A 74 20.65 -11.86 11.68
C GLY A 74 21.24 -11.17 10.46
N LYS A 75 20.50 -10.31 9.76
CA LYS A 75 19.06 -10.01 9.89
C LYS A 75 18.77 -8.60 9.34
N THR A 76 18.47 -8.53 8.05
CA THR A 76 18.11 -7.26 7.44
C THR A 76 16.59 -7.22 7.22
N PHE A 77 16.03 -6.01 7.22
CA PHE A 77 14.60 -5.85 7.03
C PHE A 77 14.33 -4.58 6.23
N SER A 78 13.08 -4.42 5.79
CA SER A 78 12.73 -3.25 5.01
C SER A 78 11.33 -2.74 5.35
N ILE A 79 11.04 -1.53 4.90
CA ILE A 79 9.78 -0.86 5.21
C ILE A 79 9.19 -0.31 3.92
N TRP A 80 7.88 -0.46 3.75
CA TRP A 80 7.20 0.13 2.59
C TRP A 80 6.11 1.08 3.04
N ARG A 81 6.09 2.29 2.48
CA ARG A 81 4.99 3.22 2.70
C ARG A 81 3.90 3.02 1.66
N LEU A 82 2.67 2.78 2.13
CA LEU A 82 1.56 2.45 1.23
C LEU A 82 0.44 3.48 1.21
N ASN A 83 -0.09 3.71 0.01
CA ASN A 83 -1.23 4.58 -0.21
C ASN A 83 -2.07 3.97 -1.30
N ASP A 84 -3.38 4.11 -1.19
CA ASP A 84 -4.32 3.43 -2.08
C ASP A 84 -4.76 4.29 -3.29
N LEU A 85 -4.17 5.48 -3.39
CA LEU A 85 -4.51 6.44 -4.44
C LEU A 85 -5.99 6.81 -4.44
N LYS A 86 -6.71 6.38 -3.41
CA LYS A 86 -8.10 6.78 -3.24
C LYS A 86 -8.26 7.75 -2.07
N ASP A 87 -7.77 7.36 -0.89
CA ASP A 87 -7.60 8.31 0.21
C ASP A 87 -6.17 8.81 0.24
N LEU A 88 -5.85 9.77 -0.63
CA LEU A 88 -4.49 10.27 -0.79
C LEU A 88 -3.86 10.83 0.49
N ASP A 89 -4.62 10.89 1.57
CA ASP A 89 -4.05 11.36 2.83
C ASP A 89 -3.65 10.21 3.76
N LYS A 90 -4.22 9.04 3.54
CA LYS A 90 -3.98 7.91 4.43
C LYS A 90 -2.84 7.04 3.94
N TYR A 91 -1.88 6.82 4.84
CA TYR A 91 -0.71 6.01 4.57
C TYR A 91 -0.57 4.92 5.63
N ILE A 92 -0.02 3.76 5.25
CA ILE A 92 0.40 2.80 6.28
C ILE A 92 1.81 2.33 5.98
N SER A 93 2.49 1.82 7.00
CA SER A 93 3.85 1.30 6.84
C SER A 93 3.85 -0.21 7.00
N LEU A 94 4.35 -0.91 5.99
CA LEU A 94 4.48 -2.36 6.02
C LEU A 94 5.91 -2.79 6.34
N PHE A 95 6.07 -3.49 7.45
CA PHE A 95 7.37 -4.04 7.82
C PHE A 95 7.58 -5.45 7.25
N LEU A 96 8.63 -5.59 6.45
CA LEU A 96 9.04 -6.88 5.91
C LEU A 96 10.26 -7.39 6.67
N PHE A 97 10.13 -8.56 7.32
CA PHE A 97 11.26 -9.18 8.01
C PHE A 97 11.61 -10.54 7.39
N GLY A 98 12.79 -11.04 7.75
CA GLY A 98 13.27 -12.35 7.34
C GLY A 98 12.75 -12.86 6.01
N ASP A 99 12.00 -13.97 6.07
CA ASP A 99 11.43 -14.63 4.89
C ASP A 99 10.83 -13.63 3.92
N VAL A 100 9.96 -12.79 4.46
CA VAL A 100 9.18 -11.88 3.66
C VAL A 100 10.07 -10.85 2.97
N HIS A 101 11.04 -10.30 3.69
CA HIS A 101 12.04 -9.42 3.11
C HIS A 101 12.81 -10.14 2.02
N LYS A 102 13.50 -11.19 2.42
CA LYS A 102 14.25 -12.04 1.49
C LYS A 102 13.51 -12.18 0.18
N GLU A 103 12.19 -12.31 0.26
CA GLU A 103 11.35 -12.64 -0.89
C GLU A 103 10.90 -11.44 -1.73
N HIS A 104 10.55 -10.33 -1.08
CA HIS A 104 9.88 -9.23 -1.78
C HIS A 104 10.61 -7.90 -1.80
N TRP A 105 11.75 -7.80 -1.12
CA TRP A 105 12.35 -6.48 -0.90
C TRP A 105 12.85 -5.75 -2.14
N LYS A 106 13.03 -6.46 -3.25
CA LYS A 106 13.49 -5.81 -4.48
C LYS A 106 12.31 -5.36 -5.36
N THR A 107 11.11 -5.42 -4.80
CA THR A 107 9.94 -5.02 -5.55
C THR A 107 10.06 -3.54 -5.91
N ASP A 108 9.62 -3.19 -7.11
CA ASP A 108 9.74 -1.83 -7.58
C ASP A 108 8.75 -0.93 -6.88
N GLN A 109 9.24 0.24 -6.44
CA GLN A 109 8.35 1.27 -5.94
C GLN A 109 7.27 1.54 -7.00
N GLY A 110 6.04 1.83 -6.58
CA GLY A 110 4.95 2.05 -7.52
C GLY A 110 4.18 0.77 -7.86
N THR A 111 4.66 -0.36 -7.35
CA THR A 111 3.96 -1.62 -7.48
C THR A 111 2.68 -1.56 -6.64
N VAL A 112 1.57 -2.02 -7.20
CA VAL A 112 0.36 -2.15 -6.41
C VAL A 112 0.39 -3.52 -5.76
N ILE A 113 0.10 -3.58 -4.46
CA ILE A 113 0.11 -4.87 -3.78
C ILE A 113 -1.19 -5.20 -3.05
N GLY A 114 -1.42 -6.49 -2.89
CA GLY A 114 -2.48 -6.97 -2.04
C GLY A 114 -1.87 -7.42 -0.73
N LEU A 115 -2.48 -6.99 0.37
CA LEU A 115 -1.98 -7.35 1.69
C LEU A 115 -3.09 -8.04 2.50
N LEU A 116 -2.82 -9.26 2.95
CA LEU A 116 -3.84 -10.10 3.59
C LEU A 116 -3.51 -10.42 5.05
N ASN A 117 -4.43 -10.08 5.96
CA ASN A 117 -4.31 -10.54 7.34
C ASN A 117 -2.94 -10.26 7.94
N ALA A 118 -2.47 -9.03 7.75
CA ALA A 118 -1.21 -8.57 8.33
C ALA A 118 -1.37 -8.41 9.84
N ASN A 119 -0.25 -8.29 10.54
CA ASN A 119 -0.26 -8.16 12.00
C ASN A 119 0.11 -6.77 12.45
N PRO A 120 -0.75 -6.17 13.28
CA PRO A 120 -0.40 -4.85 13.80
C PRO A 120 0.84 -4.94 14.67
N MET A 121 1.77 -4.01 14.47
CA MET A 121 2.93 -3.90 15.30
C MET A 121 2.50 -3.25 16.61
N LYS A 122 3.34 -3.37 17.65
CA LYS A 122 3.14 -2.62 18.88
C LYS A 122 3.23 -1.12 18.58
N PRO A 123 2.34 -0.33 19.19
CA PRO A 123 2.29 1.11 18.90
C PRO A 123 3.45 1.85 19.58
N LYS A 124 4.14 2.69 18.81
CA LYS A 124 5.24 3.45 19.36
C LYS A 124 4.81 4.87 19.74
N GLU A 125 5.13 5.27 20.97
CA GLU A 125 4.87 6.63 21.42
C GLU A 125 5.33 7.63 20.34
N GLY A 126 4.62 8.74 20.22
CA GLY A 126 5.01 9.78 19.27
C GLY A 126 4.45 9.68 17.88
N THR A 127 3.71 8.61 17.57
CA THR A 127 3.16 8.49 16.22
C THR A 127 1.66 8.25 16.08
N ASP A 128 1.20 8.71 14.92
CA ASP A 128 -0.17 8.69 14.46
C ASP A 128 -0.27 7.48 13.55
N GLU A 129 0.75 6.64 13.60
CA GLU A 129 1.12 5.78 12.48
C GLU A 129 0.63 4.34 12.59
N VAL A 130 0.05 3.82 11.50
CA VAL A 130 -0.30 2.41 11.39
C VAL A 130 0.85 1.61 10.80
N CYS A 131 1.33 0.60 11.54
CA CYS A 131 2.41 -0.26 11.06
C CYS A 131 2.00 -1.71 11.12
N LEU A 132 2.31 -2.46 10.07
CA LEU A 132 1.95 -3.88 10.04
C LEU A 132 3.06 -4.75 9.47
N SER A 133 3.09 -6.00 9.89
CA SER A 133 4.06 -6.97 9.39
C SER A 133 3.32 -8.20 8.91
N VAL A 134 4.03 -9.12 8.25
CA VAL A 134 3.40 -10.38 7.86
C VAL A 134 4.25 -11.60 8.17
N ASP A 135 3.59 -12.62 8.71
CA ASP A 135 4.23 -13.84 9.18
C ASP A 135 4.49 -14.79 8.03
N ASN A 136 4.36 -14.30 6.81
CA ASN A 136 4.42 -15.20 5.68
C ASN A 136 4.41 -14.47 4.35
N PRO A 137 5.38 -14.80 3.48
CA PRO A 137 5.59 -14.21 2.15
C PRO A 137 4.33 -14.18 1.30
N GLN A 138 3.43 -15.13 1.52
CA GLN A 138 2.28 -15.25 0.64
C GLN A 138 1.18 -14.25 0.98
N LYS A 139 1.32 -13.57 2.12
CA LYS A 139 0.41 -12.50 2.53
C LYS A 139 0.60 -11.20 1.73
N VAL A 140 1.64 -11.15 0.91
CA VAL A 140 1.86 -9.99 0.06
C VAL A 140 1.73 -10.34 -1.41
N LEU A 141 0.68 -9.85 -2.04
CA LEU A 141 0.38 -10.17 -3.42
C LEU A 141 0.79 -9.04 -4.37
N LEU A 142 1.82 -9.25 -5.17
CA LEU A 142 2.21 -8.27 -6.17
C LEU A 142 1.23 -8.30 -7.36
N MET A 143 0.60 -7.17 -7.66
CA MET A 143 -0.40 -7.11 -8.72
C MET A 143 0.03 -6.38 -10.00
N GLY A 144 1.12 -5.62 -9.94
CA GLY A 144 1.57 -4.88 -11.11
C GLY A 144 1.88 -3.43 -10.81
N ASP A 145 2.05 -2.62 -11.86
CA ASP A 145 2.43 -1.22 -11.73
C ASP A 145 1.23 -0.30 -11.65
N ALA A 146 1.31 0.68 -10.75
CA ALA A 146 0.27 1.71 -10.62
C ALA A 146 0.46 2.77 -11.69
N VAL A 147 -0.28 2.63 -12.79
CA VAL A 147 -0.08 3.47 -13.96
C VAL A 147 -0.44 4.92 -13.68
N ASP A 148 -1.20 5.17 -12.62
CA ASP A 148 -1.70 6.51 -12.31
C ASP A 148 -1.07 7.23 -11.11
N LEU A 149 -0.04 6.64 -10.49
CA LEU A 149 0.64 7.30 -9.38
C LEU A 149 1.34 8.58 -9.87
N GLY A 150 0.86 9.75 -9.43
CA GLY A 150 1.37 11.00 -9.98
C GLY A 150 1.46 12.17 -9.04
N THR A 151 1.84 13.32 -9.59
CA THR A 151 2.02 14.55 -8.82
C THR A 151 1.12 15.67 -9.32
N CYS A 152 0.62 16.49 -8.40
CA CYS A 152 -0.15 17.66 -8.78
C CYS A 152 0.55 18.42 -9.90
N LYS A 153 -0.19 18.73 -10.95
CA LYS A 153 0.34 19.38 -12.14
C LYS A 153 0.53 20.89 -11.93
N ALA A 154 -0.04 21.41 -10.86
CA ALA A 154 0.05 22.84 -10.57
C ALA A 154 1.43 23.28 -10.09
N ARG A 155 1.56 24.59 -9.84
CA ARG A 155 2.80 25.18 -9.32
C ARG A 155 2.59 25.92 -8.01
N LYS A 156 3.45 25.64 -7.02
CA LYS A 156 3.36 26.27 -5.71
C LYS A 156 3.35 27.79 -5.81
N LYS A 157 2.16 28.38 -5.65
CA LYS A 157 1.94 29.82 -5.77
C LYS A 157 3.10 30.67 -5.23
N ASN A 158 4.23 30.60 -5.91
CA ASN A 158 5.49 31.10 -5.38
C ASN A 158 6.57 30.90 -6.41
N GLY A 159 6.99 29.65 -6.59
CA GLY A 159 7.83 29.30 -7.72
C GLY A 159 7.60 27.83 -8.08
N ASP A 160 8.61 27.03 -7.79
CA ASP A 160 8.50 25.57 -7.69
C ASP A 160 7.18 24.86 -8.02
N PRO A 161 7.28 23.62 -8.50
CA PRO A 161 6.09 22.86 -8.90
C PRO A 161 5.49 22.19 -7.68
N CYS A 162 4.17 22.05 -7.65
CA CYS A 162 3.55 21.37 -6.52
C CYS A 162 4.05 19.94 -6.40
N THR A 163 4.13 19.45 -5.16
CA THR A 163 4.71 18.15 -4.87
C THR A 163 3.67 17.17 -4.29
N GLN A 164 2.40 17.57 -4.29
CA GLN A 164 1.38 16.77 -3.64
C GLN A 164 1.04 15.53 -4.45
N MET A 165 0.84 14.40 -3.76
CA MET A 165 0.58 13.15 -4.46
C MET A 165 -0.82 13.11 -5.00
N VAL A 166 -0.99 12.45 -6.14
CA VAL A 166 -2.22 12.56 -6.91
C VAL A 166 -2.55 11.29 -7.67
N ASN A 167 -3.83 11.06 -7.90
CA ASN A 167 -4.27 10.00 -8.80
C ASN A 167 -4.55 10.56 -10.19
N LEU A 168 -3.60 10.37 -11.10
CA LEU A 168 -3.72 10.92 -12.45
C LEU A 168 -5.00 10.53 -13.21
N ASN A 169 -5.63 9.43 -12.82
CA ASN A 169 -6.85 9.00 -13.47
C ASN A 169 -8.12 9.59 -12.85
N ASP A 170 -8.04 9.97 -11.58
CA ASP A 170 -9.17 10.59 -10.90
C ASP A 170 -9.11 12.12 -10.97
N CYS A 171 -7.96 12.68 -10.60
CA CYS A 171 -7.74 14.12 -10.74
C CYS A 171 -6.26 14.45 -10.89
N GLU A 172 -5.99 15.48 -11.69
CA GLU A 172 -4.64 15.78 -12.12
C GLU A 172 -4.04 16.84 -11.21
N TYR A 173 -4.91 17.56 -10.53
CA TYR A 173 -4.48 18.56 -9.58
C TYR A 173 -4.73 17.98 -8.21
N CYS A 174 -4.09 18.54 -7.19
CA CYS A 174 -4.29 18.06 -5.84
C CYS A 174 -5.44 18.79 -5.16
N GLN A 175 -5.69 18.43 -3.91
CA GLN A 175 -6.81 18.98 -3.14
C GLN A 175 -6.72 20.49 -3.00
N TYR A 176 -5.50 20.98 -2.90
CA TYR A 176 -5.27 22.39 -2.60
C TYR A 176 -5.16 23.27 -3.83
N HIS A 177 -5.56 22.75 -4.99
CA HIS A 177 -5.52 23.49 -6.25
C HIS A 177 -6.70 23.09 -7.14
N VAL A 178 -7.78 23.85 -7.10
CA VAL A 178 -8.98 23.45 -7.85
C VAL A 178 -9.71 24.63 -8.50
#